data_3GOV
#
_entry.id   3GOV
#
_cell.length_a   68.418
_cell.length_b   70.412
_cell.length_c   121.413
_cell.angle_alpha   90.000
_cell.angle_beta   90.000
_cell.angle_gamma   90.000
#
_symmetry.space_group_name_H-M   'P 21 21 21'
#
loop_
_entity.id
_entity.type
_entity.pdbx_description
1 polymer MASP-1
2 polymer MASP-1
3 non-polymer GLYCEROL
4 water water
#
loop_
_entity_poly.entity_id
_entity_poly.type
_entity_poly.pdbx_seq_one_letter_code
_entity_poly.pdbx_strand_id
1 'polypeptide(L)'
;ASMTGNECPELQPPVHGKIEPSQAKYFFKDQVLVSCDTGYKVLKDNVEMDTFQIECLKDGTWSNKIPTCKIVDCRAPGEL
EHGLITFSTRNNLTTYKSEIKYSCQEPYYKMLNNNTGIYTCSAQGVWMNKVLGRSLPTCLPVCGLPKFSRKLMAR
;
A
2 'polypeptide(L)'
;IFNGRPAQKGTTPWIAMLSHLNGQPFCGGSLLGSSWIVTAAHCLHQSLDPKDPTLRDSDLLSPSDFKIILGKHWRLRSDE
NEQHLGVKHTTLHPQYDPNTFENDVALVELLESPVLNAFVMPICLPEGPQQEGAMVIVSGWGKQFLQRFPETLMEIEIPI
VDHSTCQKAYAPLKKKVTRDMICAGEKEGGKDACAGDSGGPMVTLNRERGQWYLVGTVSWGDDCGKKDRYGVYSYIHHNK
DWIQRVTGVRN
;
B
#
loop_
_chem_comp.id
_chem_comp.type
_chem_comp.name
_chem_comp.formula
GOL non-polymer GLYCEROL 'C3 H8 O3'
#
# COMPACT_ATOMS: atom_id res chain seq x y z
N GLY A 5 -1.58 46.09 -55.62
CA GLY A 5 -1.19 47.48 -55.99
C GLY A 5 0.17 47.83 -55.43
N ASN A 6 0.21 48.31 -54.19
CA ASN A 6 1.48 48.54 -53.47
C ASN A 6 2.09 47.21 -53.06
N GLU A 7 3.41 47.09 -53.21
CA GLU A 7 4.11 45.88 -52.81
C GLU A 7 4.53 45.95 -51.35
N CYS A 8 4.23 44.90 -50.60
CA CYS A 8 4.65 44.81 -49.20
C CYS A 8 6.01 44.12 -49.12
N PRO A 9 6.86 44.52 -48.14
CA PRO A 9 8.24 44.02 -48.09
C PRO A 9 8.35 42.53 -47.79
N GLU A 10 9.49 41.94 -48.16
CA GLU A 10 9.84 40.56 -47.83
C GLU A 10 9.65 40.30 -46.34
N LEU A 11 9.01 39.19 -45.99
CA LEU A 11 8.77 38.84 -44.59
C LEU A 11 9.78 37.79 -44.15
N GLN A 12 10.30 37.93 -42.93
CA GLN A 12 11.20 36.91 -42.38
C GLN A 12 10.47 36.00 -41.39
N PRO A 13 10.56 34.68 -41.59
CA PRO A 13 9.87 33.76 -40.69
C PRO A 13 10.44 33.83 -39.29
N PRO A 14 9.60 33.57 -38.28
CA PRO A 14 10.10 33.58 -36.91
C PRO A 14 10.97 32.36 -36.66
N VAL A 15 11.95 32.51 -35.75
CA VAL A 15 12.78 31.37 -35.37
C VAL A 15 11.85 30.32 -34.79
N HIS A 16 12.07 29.07 -35.21
CA HIS A 16 11.22 27.94 -34.86
C HIS A 16 9.82 28.00 -35.49
N GLY A 17 9.68 28.74 -36.58
CA GLY A 17 8.37 28.89 -37.22
C GLY A 17 8.40 29.09 -38.72
N LYS A 18 7.27 29.52 -39.28
CA LYS A 18 7.15 29.71 -40.71
C LYS A 18 6.04 30.69 -41.08
N ILE A 19 6.05 31.09 -42.35
CA ILE A 19 5.04 31.97 -42.89
C ILE A 19 4.50 31.35 -44.16
N GLU A 20 3.18 31.26 -44.28
CA GLU A 20 2.54 30.80 -45.51
C GLU A 20 1.43 31.77 -45.91
N PRO A 21 1.12 31.86 -47.21
CA PRO A 21 1.81 31.19 -48.30
C PRO A 21 3.10 31.91 -48.66
N SER A 22 4.12 31.16 -49.05
CA SER A 22 5.38 31.76 -49.48
C SER A 22 5.21 32.33 -50.87
N GLN A 23 5.28 33.65 -50.97
CA GLN A 23 5.20 34.32 -52.27
C GLN A 23 6.50 35.06 -52.51
N ALA A 24 6.81 35.29 -53.79
CA ALA A 24 7.93 36.13 -54.18
C ALA A 24 7.71 37.54 -53.62
N LYS A 25 6.59 38.14 -54.02
CA LYS A 25 6.19 39.46 -53.52
CA LYS A 25 6.19 39.47 -53.54
C LYS A 25 4.75 39.41 -53.01
N TYR A 26 4.39 40.36 -52.16
CA TYR A 26 3.05 40.42 -51.57
C TYR A 26 2.37 41.74 -51.91
N PHE A 27 1.07 41.70 -52.21
CA PHE A 27 0.34 42.89 -52.65
C PHE A 27 -0.92 43.14 -51.81
N PHE A 28 -1.54 44.30 -52.02
CA PHE A 28 -2.70 44.71 -51.23
C PHE A 28 -3.73 43.58 -51.08
N LYS A 29 -4.21 43.42 -49.85
CA LYS A 29 -5.20 42.40 -49.45
CA LYS A 29 -5.21 42.39 -49.48
C LYS A 29 -4.63 40.98 -49.27
N ASP A 30 -3.36 40.76 -49.60
CA ASP A 30 -2.76 39.43 -49.39
C ASP A 30 -2.74 39.08 -47.90
N GLN A 31 -3.11 37.84 -47.58
CA GLN A 31 -3.12 37.36 -46.20
C GLN A 31 -2.03 36.33 -46.01
N VAL A 32 -1.38 36.35 -44.85
CA VAL A 32 -0.43 35.29 -44.47
C VAL A 32 -0.64 34.86 -43.02
N LEU A 33 -0.47 33.57 -42.77
CA LEU A 33 -0.58 32.99 -41.43
C LEU A 33 0.82 32.65 -40.93
N VAL A 34 1.12 33.11 -39.72
CA VAL A 34 2.38 32.79 -39.03
C VAL A 34 2.17 31.58 -38.14
N SER A 35 3.07 30.59 -38.26
CA SER A 35 2.98 29.32 -37.53
C SER A 35 4.30 28.98 -36.90
N CYS A 36 4.24 28.10 -35.89
CA CYS A 36 5.43 27.60 -35.21
C CYS A 36 5.62 26.11 -35.44
N ASP A 37 6.86 25.65 -35.29
CA ASP A 37 7.19 24.23 -35.33
C ASP A 37 6.41 23.45 -34.28
N THR A 38 6.38 22.13 -34.46
CA THR A 38 5.78 21.26 -33.47
C THR A 38 6.58 21.35 -32.17
N GLY A 39 5.89 21.64 -31.07
CA GLY A 39 6.53 21.88 -29.79
C GLY A 39 6.60 23.36 -29.42
N TYR A 40 6.13 24.21 -30.32
CA TYR A 40 6.14 25.65 -30.12
C TYR A 40 4.79 26.26 -30.50
N LYS A 41 4.48 27.42 -29.93
CA LYS A 41 3.28 28.16 -30.30
C LYS A 41 3.61 29.64 -30.51
N VAL A 42 2.77 30.34 -31.28
CA VAL A 42 2.95 31.77 -31.53
C VAL A 42 2.63 32.54 -30.25
N LEU A 43 3.46 33.52 -29.93
CA LEU A 43 3.28 34.31 -28.71
C LEU A 43 2.93 35.76 -29.04
N LYS A 44 1.70 36.15 -28.72
CA LYS A 44 1.27 37.55 -28.72
C LYS A 44 1.02 37.98 -27.27
N ASP A 45 1.62 39.09 -26.86
CA ASP A 45 1.50 39.59 -25.50
C ASP A 45 1.95 38.43 -24.60
N ASN A 46 1.07 37.92 -23.72
CA ASN A 46 1.40 36.73 -22.93
C ASN A 46 0.44 35.59 -23.25
N VAL A 47 0.00 35.54 -24.51
CA VAL A 47 -1.04 34.63 -24.97
C VAL A 47 -0.47 33.74 -26.07
N GLU A 48 -0.60 32.43 -25.90
CA GLU A 48 -0.12 31.47 -26.89
CA GLU A 48 -0.12 31.44 -26.89
C GLU A 48 -1.24 31.07 -27.86
N MET A 49 -0.91 30.89 -29.13
CA MET A 49 -1.88 30.54 -30.18
C MET A 49 -1.22 29.75 -31.30
N ASP A 50 -2.03 29.06 -32.10
CA ASP A 50 -1.53 28.19 -33.18
C ASP A 50 -1.14 28.96 -34.44
N THR A 51 -1.92 29.98 -34.79
CA THR A 51 -1.58 30.83 -35.92
C THR A 51 -1.97 32.26 -35.67
N PHE A 52 -1.22 33.17 -36.27
CA PHE A 52 -1.54 34.58 -36.26
C PHE A 52 -1.56 35.08 -37.71
N GLN A 53 -2.56 35.90 -38.02
CA GLN A 53 -2.79 36.36 -39.38
C GLN A 53 -2.47 37.84 -39.54
N ILE A 54 -1.61 38.15 -40.51
CA ILE A 54 -1.33 39.53 -40.91
C ILE A 54 -1.67 39.71 -42.39
N GLU A 55 -1.94 40.96 -42.79
CA GLU A 55 -2.31 41.26 -44.17
C GLU A 55 -1.53 42.43 -44.73
N CYS A 56 -1.35 42.41 -46.04
CA CYS A 56 -0.69 43.50 -46.75
C CYS A 56 -1.71 44.61 -47.01
N LEU A 57 -1.51 45.75 -46.35
CA LEU A 57 -2.45 46.88 -46.41
C LEU A 57 -2.25 47.73 -47.67
N LYS A 58 -3.21 48.62 -47.92
CA LYS A 58 -3.21 49.44 -49.12
C LYS A 58 -1.95 50.28 -49.25
N ASP A 59 -1.46 50.80 -48.13
CA ASP A 59 -0.32 51.71 -48.15
C ASP A 59 1.02 50.99 -48.34
N GLY A 60 0.99 49.67 -48.49
CA GLY A 60 2.21 48.89 -48.73
C GLY A 60 2.89 48.41 -47.46
N THR A 61 2.18 48.50 -46.33
CA THR A 61 2.70 48.05 -45.05
C THR A 61 1.89 46.85 -44.58
N TRP A 62 2.48 46.08 -43.67
CA TRP A 62 1.81 44.93 -43.06
C TRP A 62 0.97 45.37 -41.87
N SER A 63 -0.09 44.62 -41.59
CA SER A 63 -1.00 44.96 -40.50
C SER A 63 -0.33 44.84 -39.14
N ASN A 64 0.63 43.93 -39.04
CA ASN A 64 1.41 43.68 -37.82
C ASN A 64 2.83 43.24 -38.12
N LYS A 65 3.66 43.20 -37.08
CA LYS A 65 4.99 42.61 -37.16
C LYS A 65 4.84 41.10 -37.02
N ILE A 66 5.89 40.36 -37.39
CA ILE A 66 5.90 38.91 -37.22
C ILE A 66 6.23 38.57 -35.77
N PRO A 67 5.34 37.85 -35.08
CA PRO A 67 5.58 37.55 -33.67
C PRO A 67 6.58 36.40 -33.52
N THR A 68 6.91 36.06 -32.27
CA THR A 68 7.90 35.02 -31.98
C THR A 68 7.25 33.69 -31.62
N CYS A 69 8.04 32.62 -31.72
CA CYS A 69 7.62 31.29 -31.29
C CYS A 69 8.17 30.97 -29.90
N LYS A 70 7.32 30.36 -29.08
CA LYS A 70 7.62 30.08 -27.68
C LYS A 70 7.45 28.59 -27.48
N ILE A 71 8.44 27.97 -26.84
CA ILE A 71 8.43 26.52 -26.62
C ILE A 71 7.28 26.13 -25.67
N VAL A 72 6.61 25.03 -25.96
CA VAL A 72 5.49 24.59 -25.14
C VAL A 72 5.96 24.21 -23.73
N ASP A 73 5.20 24.64 -22.73
CA ASP A 73 5.50 24.31 -21.33
C ASP A 73 4.54 23.25 -20.81
N CYS A 74 5.09 22.16 -20.26
CA CYS A 74 4.29 21.13 -19.60
C CYS A 74 4.05 21.44 -18.13
N ARG A 75 4.75 22.44 -17.61
CA ARG A 75 4.54 22.94 -16.24
C ARG A 75 4.84 21.88 -15.17
N ALA A 76 4.24 22.01 -13.99
CA ALA A 76 4.47 21.08 -12.89
C ALA A 76 3.99 19.68 -13.27
N PRO A 77 4.90 18.70 -13.27
CA PRO A 77 4.47 17.30 -13.40
C PRO A 77 3.62 16.87 -12.21
N GLY A 78 2.81 15.84 -12.41
CA GLY A 78 1.95 15.32 -11.35
C GLY A 78 2.77 14.81 -10.17
N GLU A 79 2.28 15.07 -8.97
CA GLU A 79 2.96 14.64 -7.76
C GLU A 79 2.70 13.16 -7.49
N LEU A 80 3.78 12.39 -7.39
CA LEU A 80 3.72 10.96 -7.10
C LEU A 80 3.83 10.76 -5.60
N GLU A 81 2.75 10.30 -4.97
CA GLU A 81 2.75 10.10 -3.53
C GLU A 81 3.78 9.04 -3.15
N HIS A 82 4.52 9.31 -2.08
CA HIS A 82 5.65 8.46 -1.64
C HIS A 82 6.79 8.41 -2.66
N GLY A 83 6.79 9.34 -3.61
CA GLY A 83 7.74 9.34 -4.70
C GLY A 83 8.62 10.57 -4.75
N LEU A 84 9.51 10.59 -5.74
CA LEU A 84 10.43 11.71 -5.94
C LEU A 84 10.60 11.95 -7.43
N ILE A 85 10.81 13.21 -7.83
CA ILE A 85 11.05 13.57 -9.21
C ILE A 85 12.48 14.05 -9.37
N THR A 86 13.21 13.44 -10.29
CA THR A 86 14.55 13.91 -10.67
C THR A 86 14.49 14.45 -12.09
N PHE A 87 14.81 15.73 -12.25
CA PHE A 87 14.83 16.38 -13.56
C PHE A 87 16.12 16.09 -14.27
N SER A 88 16.08 16.13 -15.60
CA SER A 88 17.27 15.85 -16.42
C SER A 88 18.22 17.04 -16.40
N THR A 89 19.31 16.87 -15.67
CA THR A 89 20.28 17.93 -15.36
C THR A 89 19.61 19.21 -14.79
N ARG A 90 20.33 20.34 -14.85
CA ARG A 90 20.25 21.37 -13.81
C ARG A 90 19.01 22.25 -13.81
N ASN A 91 18.69 22.84 -14.98
CA ASN A 91 17.68 23.91 -15.04
C ASN A 91 16.29 23.56 -14.51
N ASN A 92 15.99 22.28 -14.36
CA ASN A 92 14.65 21.81 -13.95
C ASN A 92 13.59 22.20 -14.99
N LEU A 93 13.98 22.13 -16.25
CA LEU A 93 13.15 22.60 -17.33
C LEU A 93 11.93 21.70 -17.44
N THR A 94 10.80 22.31 -17.78
CA THR A 94 9.53 21.61 -17.89
C THR A 94 8.89 21.86 -19.26
N THR A 95 9.73 22.16 -20.25
CA THR A 95 9.30 22.52 -21.59
C THR A 95 9.48 21.36 -22.57
N TYR A 96 9.02 21.55 -23.81
CA TYR A 96 8.97 20.50 -24.85
C TYR A 96 10.24 19.65 -24.94
N LYS A 97 10.05 18.33 -25.01
CA LYS A 97 11.10 17.33 -25.22
C LYS A 97 12.02 17.03 -24.03
N SER A 98 11.94 17.83 -22.96
CA SER A 98 12.75 17.57 -21.77
C SER A 98 12.07 16.49 -20.91
N GLU A 99 12.83 15.88 -20.01
CA GLU A 99 12.39 14.69 -19.29
C GLU A 99 12.45 14.82 -17.78
N ILE A 100 11.67 13.98 -17.11
CA ILE A 100 11.81 13.71 -15.69
C ILE A 100 11.89 12.19 -15.48
N LYS A 101 12.37 11.75 -14.32
CA LYS A 101 12.29 10.34 -13.93
C LYS A 101 11.68 10.25 -12.56
N TYR A 102 10.56 9.53 -12.44
CA TYR A 102 9.95 9.26 -11.14
C TYR A 102 10.68 8.13 -10.40
N SER A 103 10.74 8.24 -9.09
CA SER A 103 11.27 7.18 -8.22
C SER A 103 10.37 7.07 -7.02
N CYS A 104 10.48 5.97 -6.28
CA CYS A 104 9.78 5.84 -5.01
C CYS A 104 10.75 6.01 -3.84
N GLN A 105 10.22 6.50 -2.70
CA GLN A 105 11.01 6.74 -1.49
CA GLN A 105 11.03 6.74 -1.51
C GLN A 105 11.53 5.42 -0.91
N GLU A 106 12.82 5.16 -1.07
CA GLU A 106 13.42 3.98 -0.46
C GLU A 106 13.68 4.36 0.99
N PRO A 107 13.61 3.38 1.92
CA PRO A 107 13.42 1.94 1.75
C PRO A 107 11.97 1.45 1.86
N TYR A 108 11.05 2.28 2.35
CA TYR A 108 9.67 1.83 2.66
C TYR A 108 8.72 1.78 1.45
N TYR A 109 9.21 2.11 0.26
CA TYR A 109 8.40 1.99 -0.97
C TYR A 109 9.24 1.55 -2.17
N LYS A 110 8.60 0.83 -3.09
CA LYS A 110 9.20 0.45 -4.36
C LYS A 110 8.19 0.72 -5.47
N MET A 111 8.70 0.97 -6.67
CA MET A 111 7.87 1.26 -7.82
C MET A 111 7.46 0.01 -8.59
N LEU A 112 6.28 0.06 -9.16
CA LEU A 112 5.82 -0.93 -10.13
C LEU A 112 6.44 -0.69 -11.51
N ASN A 113 7.38 -1.54 -11.91
CA ASN A 113 7.55 -1.83 -13.33
C ASN A 113 6.35 -2.75 -13.53
N ASN A 114 5.26 -2.35 -14.20
CA ASN A 114 5.15 -1.48 -15.40
C ASN A 114 6.34 -0.78 -16.08
N ASN A 115 6.67 0.42 -15.61
CA ASN A 115 7.33 1.43 -16.45
C ASN A 115 8.76 1.80 -16.05
N THR A 116 9.41 2.57 -16.93
CA THR A 116 10.76 3.08 -16.71
C THR A 116 10.75 4.22 -15.70
N GLY A 117 9.61 4.90 -15.55
CA GLY A 117 9.51 6.07 -14.69
C GLY A 117 9.90 7.34 -15.42
N ILE A 118 10.28 7.21 -16.70
CA ILE A 118 10.68 8.35 -17.50
C ILE A 118 9.45 8.97 -18.17
N TYR A 119 9.15 10.21 -17.81
CA TYR A 119 8.06 10.97 -18.39
C TYR A 119 8.66 12.13 -19.17
N THR A 120 8.24 12.28 -20.43
CA THR A 120 8.78 13.28 -21.33
C THR A 120 7.70 14.26 -21.77
N CYS A 121 8.06 15.53 -21.81
CA CYS A 121 7.11 16.62 -22.08
C CYS A 121 6.71 16.74 -23.57
N SER A 122 5.43 16.55 -23.85
CA SER A 122 4.94 16.43 -25.22
C SER A 122 4.66 17.77 -25.89
N ALA A 123 4.54 17.73 -27.22
CA ALA A 123 4.20 18.91 -28.01
C ALA A 123 2.82 19.47 -27.64
N GLN A 124 1.95 18.62 -27.10
CA GLN A 124 0.61 19.02 -26.64
C GLN A 124 0.59 19.49 -25.18
N GLY A 125 1.76 19.61 -24.56
CA GLY A 125 1.86 20.18 -23.23
C GLY A 125 1.47 19.24 -22.11
N VAL A 126 1.49 17.93 -22.37
CA VAL A 126 1.22 16.92 -21.35
C VAL A 126 2.48 16.08 -21.11
N TRP A 127 2.72 15.75 -19.83
CA TRP A 127 3.80 14.84 -19.43
C TRP A 127 3.40 13.39 -19.69
N MET A 128 4.18 12.69 -20.52
CA MET A 128 3.79 11.36 -21.00
C MET A 128 4.90 10.32 -20.84
N ASN A 129 4.48 9.09 -20.59
CA ASN A 129 5.37 7.95 -20.45
C ASN A 129 5.03 6.96 -21.54
N LYS A 130 6.05 6.32 -22.09
CA LYS A 130 5.84 5.33 -23.15
C LYS A 130 4.66 4.38 -22.87
N VAL A 131 4.56 3.90 -21.63
CA VAL A 131 3.64 2.83 -21.28
C VAL A 131 2.34 3.35 -20.68
N LEU A 132 2.45 4.18 -19.66
CA LEU A 132 1.28 4.63 -18.91
C LEU A 132 0.61 5.85 -19.53
N GLY A 133 1.33 6.54 -20.42
CA GLY A 133 0.84 7.78 -21.01
C GLY A 133 0.82 8.88 -19.96
N ARG A 134 -0.32 9.56 -19.85
CA ARG A 134 -0.50 10.63 -18.86
C ARG A 134 -0.45 10.11 -17.42
N SER A 135 -1.00 8.91 -17.20
CA SER A 135 -1.12 8.33 -15.86
C SER A 135 0.24 8.21 -15.18
N LEU A 136 0.25 8.38 -13.87
CA LEU A 136 1.48 8.36 -13.10
C LEU A 136 1.79 6.96 -12.61
N PRO A 137 3.06 6.68 -12.26
CA PRO A 137 3.41 5.37 -11.69
C PRO A 137 2.80 5.17 -10.30
N THR A 138 3.06 4.00 -9.72
CA THR A 138 2.52 3.66 -8.41
C THR A 138 3.63 3.20 -7.47
N CYS A 139 3.71 3.86 -6.32
CA CYS A 139 4.63 3.45 -5.28
C CYS A 139 3.91 2.48 -4.36
N LEU A 140 4.50 1.29 -4.19
CA LEU A 140 3.93 0.23 -3.36
C LEU A 140 4.79 0.03 -2.12
N PRO A 141 4.18 -0.35 -0.99
CA PRO A 141 4.91 -0.52 0.26
C PRO A 141 5.83 -1.73 0.27
N VAL A 142 7.06 -1.58 0.73
CA VAL A 142 8.01 -2.70 0.85
C VAL A 142 7.79 -3.40 2.19
N CYS A 143 7.57 -4.71 2.16
CA CYS A 143 7.15 -5.43 3.36
C CYS A 143 8.25 -6.31 3.98
N GLY A 144 8.05 -6.59 5.27
CA GLY A 144 8.81 -7.61 5.99
C GLY A 144 10.31 -7.42 6.09
N LEU A 145 10.76 -6.17 6.15
CA LEU A 145 12.18 -5.86 6.30
C LEU A 145 12.38 -4.95 7.50
N PRO A 146 12.52 -5.54 8.71
CA PRO A 146 12.65 -4.74 9.92
C PRO A 146 14.01 -4.10 9.99
N LYS A 147 14.08 -3.00 10.72
CA LYS A 147 15.29 -2.19 10.84
C LYS A 147 16.03 -2.44 12.16
N PHE A 148 15.38 -3.15 13.08
CA PHE A 148 15.97 -3.47 14.38
C PHE A 148 16.18 -4.96 14.49
N SER A 149 17.39 -5.35 14.89
CA SER A 149 17.75 -6.76 14.89
C SER A 149 17.22 -7.46 16.13
N ARG A 150 17.15 -8.79 16.04
CA ARG A 150 16.65 -9.60 17.15
C ARG A 150 17.70 -10.61 17.56
N LYS A 151 17.92 -10.70 18.86
CA LYS A 151 19.05 -11.41 19.46
C LYS A 151 18.76 -12.90 19.56
N ILE B 1 0.05 -14.38 25.90
CA ILE B 1 1.02 -15.41 25.54
C ILE B 1 1.56 -16.16 26.77
N PHE B 2 1.49 -17.48 26.74
CA PHE B 2 2.04 -18.32 27.82
C PHE B 2 3.48 -18.69 27.52
N ASN B 3 4.33 -18.72 28.55
CA ASN B 3 5.75 -19.08 28.44
C ASN B 3 6.52 -18.27 27.39
N GLY B 4 6.09 -17.03 27.20
CA GLY B 4 6.69 -16.16 26.21
C GLY B 4 7.85 -15.40 26.79
N ARG B 5 8.50 -14.64 25.94
CA ARG B 5 9.58 -13.75 26.35
C ARG B 5 9.30 -12.37 25.77
N PRO B 6 9.75 -11.32 26.45
CA PRO B 6 9.45 -9.97 25.97
C PRO B 6 10.03 -9.75 24.58
N ALA B 7 9.22 -9.19 23.69
CA ALA B 7 9.67 -8.87 22.33
C ALA B 7 10.59 -7.66 22.38
N GLN B 8 11.69 -7.73 21.64
CA GLN B 8 12.65 -6.64 21.54
C GLN B 8 12.04 -5.51 20.72
N LYS B 9 12.07 -4.30 21.28
CA LYS B 9 11.43 -3.12 20.66
C LYS B 9 11.86 -2.93 19.20
N GLY B 10 10.89 -2.66 18.32
CA GLY B 10 11.18 -2.32 16.93
C GLY B 10 11.23 -3.49 15.96
N THR B 11 11.33 -4.71 16.48
CA THR B 11 11.51 -5.91 15.66
C THR B 11 10.18 -6.59 15.30
N THR B 12 9.05 -5.93 15.60
CA THR B 12 7.73 -6.41 15.19
C THR B 12 6.91 -5.25 14.64
N PRO B 13 7.44 -4.54 13.64
CA PRO B 13 6.81 -3.29 13.19
C PRO B 13 5.47 -3.46 12.47
N TRP B 14 5.10 -4.70 12.13
CA TRP B 14 3.84 -5.00 11.45
C TRP B 14 2.67 -5.30 12.40
N ILE B 15 2.93 -5.39 13.70
CA ILE B 15 1.89 -5.80 14.63
C ILE B 15 0.90 -4.65 14.89
N ALA B 16 -0.37 -5.01 15.02
CA ALA B 16 -1.43 -4.05 15.32
C ALA B 16 -2.14 -4.47 16.61
N MET B 17 -2.51 -3.49 17.41
CA MET B 17 -3.38 -3.74 18.54
C MET B 17 -4.79 -3.30 18.18
N LEU B 18 -5.77 -4.17 18.39
CA LEU B 18 -7.18 -3.81 18.27
C LEU B 18 -7.68 -3.45 19.66
N SER B 19 -8.18 -2.23 19.83
CA SER B 19 -8.58 -1.74 21.15
C SER B 19 -9.87 -0.97 21.10
N HIS B 20 -10.56 -0.93 22.23
CA HIS B 20 -11.77 -0.14 22.35
C HIS B 20 -11.36 1.33 22.36
N LEU B 21 -12.32 2.21 22.06
CA LEU B 21 -12.08 3.66 22.06
C LEU B 21 -11.41 4.05 23.36
N ASN B 22 -11.93 3.48 24.44
CA ASN B 22 -11.35 3.57 25.78
C ASN B 22 -9.85 3.32 25.86
N GLY B 23 -9.36 2.32 25.13
CA GLY B 23 -7.93 1.98 25.12
C GLY B 23 -7.66 0.55 25.54
N GLN B 24 -8.63 -0.07 26.21
CA GLN B 24 -8.54 -1.47 26.62
C GLN B 24 -8.33 -2.38 25.42
N PRO B 25 -7.17 -3.05 25.34
CA PRO B 25 -6.91 -3.97 24.25
C PRO B 25 -7.79 -5.20 24.34
N PHE B 26 -8.11 -5.80 23.19
CA PHE B 26 -8.86 -7.06 23.15
C PHE B 26 -8.35 -8.07 22.12
N CYS B 27 -7.71 -7.59 21.06
CA CYS B 27 -7.18 -8.46 20.01
C CYS B 27 -5.93 -7.86 19.40
N GLY B 28 -5.23 -8.70 18.63
CA GLY B 28 -4.07 -8.27 17.87
C GLY B 28 -4.30 -8.43 16.38
N GLY B 29 -3.36 -7.94 15.58
CA GLY B 29 -3.48 -8.02 14.12
C GLY B 29 -2.16 -7.79 13.40
N SER B 30 -2.23 -7.63 12.09
CA SER B 30 -1.05 -7.36 11.29
C SER B 30 -1.36 -6.41 10.14
N LEU B 31 -0.49 -5.43 9.94
CA LEU B 31 -0.57 -4.53 8.79
C LEU B 31 -0.21 -5.25 7.49
N LEU B 32 -1.13 -5.19 6.54
CA LEU B 32 -0.90 -5.67 5.18
C LEU B 32 -0.93 -4.48 4.27
N GLY B 33 0.08 -4.39 3.41
CA GLY B 33 0.15 -3.35 2.40
C GLY B 33 0.14 -1.98 3.05
N SER B 34 -0.65 -1.09 2.48
CA SER B 34 -0.66 0.32 2.86
C SER B 34 -1.71 0.67 3.91
N SER B 35 -2.88 0.04 3.87
CA SER B 35 -3.98 0.45 4.74
C SER B 35 -4.98 -0.67 5.08
N TRP B 36 -4.44 -1.84 5.37
CA TRP B 36 -5.24 -2.99 5.76
C TRP B 36 -4.63 -3.70 6.96
N ILE B 37 -5.49 -4.20 7.83
CA ILE B 37 -5.08 -5.02 8.98
C ILE B 37 -5.84 -6.35 8.99
N VAL B 38 -5.09 -7.44 8.87
CA VAL B 38 -5.65 -8.78 8.91
C VAL B 38 -5.64 -9.29 10.35
N THR B 39 -6.78 -9.85 10.78
CA THR B 39 -6.99 -10.27 12.16
C THR B 39 -7.97 -11.45 12.19
N ALA B 40 -8.35 -11.92 13.37
CA ALA B 40 -9.31 -13.02 13.50
C ALA B 40 -10.73 -12.52 13.32
N ALA B 41 -11.53 -13.27 12.57
CA ALA B 41 -12.91 -12.89 12.30
C ALA B 41 -13.72 -12.80 13.60
N HIS B 42 -13.35 -13.61 14.60
CA HIS B 42 -14.08 -13.63 15.87
C HIS B 42 -13.73 -12.47 16.78
N CYS B 43 -12.73 -11.68 16.40
CA CYS B 43 -12.41 -10.44 17.11
C CYS B 43 -13.41 -9.34 16.79
N LEU B 44 -14.11 -9.47 15.66
CA LEU B 44 -14.91 -8.38 15.12
C LEU B 44 -16.41 -8.61 15.24
N HIS B 45 -16.85 -9.40 16.21
CA HIS B 45 -18.27 -9.55 16.46
C HIS B 45 -18.58 -9.93 17.90
N GLN B 46 -19.75 -9.53 18.35
CA GLN B 46 -20.25 -9.82 19.69
C GLN B 46 -20.25 -11.33 19.90
N SER B 47 -20.24 -11.77 21.16
CA SER B 47 -20.45 -13.17 21.48
C SER B 47 -21.88 -13.53 21.09
N LEU B 48 -22.05 -14.70 20.48
CA LEU B 48 -23.38 -15.15 20.03
C LEU B 48 -24.11 -15.93 21.11
N ASP B 49 -25.44 -15.91 21.06
CA ASP B 49 -26.27 -16.67 21.98
C ASP B 49 -26.33 -18.12 21.45
N PRO B 50 -25.83 -19.09 22.23
CA PRO B 50 -25.86 -20.50 21.79
C PRO B 50 -27.23 -20.99 21.30
N LYS B 51 -28.32 -20.42 21.82
CA LYS B 51 -29.68 -20.78 21.40
C LYS B 51 -30.07 -20.19 20.06
N ASP B 52 -29.16 -19.45 19.44
CA ASP B 52 -29.33 -18.92 18.09
C ASP B 52 -27.93 -18.76 17.49
N PRO B 53 -27.26 -19.89 17.21
CA PRO B 53 -25.82 -19.83 16.90
C PRO B 53 -25.52 -19.54 15.42
N THR B 54 -25.92 -18.36 14.96
CA THR B 54 -25.63 -17.94 13.60
C THR B 54 -25.25 -16.46 13.59
N LEU B 55 -24.18 -16.14 12.85
CA LEU B 55 -23.65 -14.77 12.80
C LEU B 55 -24.51 -13.91 11.90
N ARG B 56 -24.89 -12.75 12.41
CA ARG B 56 -25.62 -11.74 11.63
C ARG B 56 -24.88 -10.41 11.68
N ASP B 57 -25.22 -9.51 10.76
CA ASP B 57 -24.60 -8.17 10.71
C ASP B 57 -24.83 -7.37 11.99
N SER B 58 -25.95 -7.65 12.68
CA SER B 58 -26.28 -7.00 13.95
C SER B 58 -25.28 -7.31 15.07
N ASP B 59 -24.57 -8.42 14.94
CA ASP B 59 -23.59 -8.84 15.94
C ASP B 59 -22.19 -8.28 15.64
N LEU B 60 -21.95 -7.83 14.41
CA LEU B 60 -20.64 -7.33 14.04
C LEU B 60 -20.29 -6.07 14.82
N LEU B 61 -19.00 -5.87 15.05
CA LEU B 61 -18.50 -4.71 15.77
C LEU B 61 -18.50 -3.52 14.81
N SER B 62 -19.00 -2.37 15.22
CA SER B 62 -19.00 -1.19 14.37
C SER B 62 -17.62 -0.54 14.26
N PRO B 63 -17.26 -0.02 13.07
CA PRO B 63 -16.03 0.75 12.88
C PRO B 63 -15.85 1.93 13.84
N SER B 64 -16.94 2.54 14.27
CA SER B 64 -16.85 3.64 15.22
C SER B 64 -16.55 3.17 16.64
N ASP B 65 -16.77 1.90 16.93
CA ASP B 65 -16.64 1.37 18.29
C ASP B 65 -15.30 0.69 18.62
N PHE B 66 -14.35 0.71 17.69
CA PHE B 66 -12.96 0.32 18.01
C PHE B 66 -11.93 1.05 17.16
N LYS B 67 -10.67 0.97 17.57
CA LYS B 67 -9.58 1.62 16.84
C LYS B 67 -8.39 0.69 16.72
N ILE B 68 -7.45 1.08 15.88
CA ILE B 68 -6.21 0.35 15.67
C ILE B 68 -5.03 1.19 16.11
N ILE B 69 -4.06 0.55 16.77
CA ILE B 69 -2.82 1.19 17.15
C ILE B 69 -1.64 0.42 16.57
N LEU B 70 -0.85 1.11 15.75
CA LEU B 70 0.34 0.53 15.15
C LEU B 70 1.57 1.10 15.86
N GLY B 71 2.72 0.48 15.63
CA GLY B 71 3.97 0.90 16.23
C GLY B 71 3.96 0.85 17.74
N LYS B 72 3.11 -0.01 18.31
CA LYS B 72 2.96 -0.09 19.77
C LYS B 72 3.91 -1.14 20.31
N HIS B 73 4.44 -0.88 21.52
CA HIS B 73 5.30 -1.82 22.25
C HIS B 73 4.72 -2.17 23.63
N TRP B 74 4.46 -1.15 24.44
CA TRP B 74 3.81 -1.35 25.74
C TRP B 74 2.36 -1.75 25.53
N ARG B 75 1.81 -2.52 26.47
CA ARG B 75 0.41 -2.93 26.38
C ARG B 75 -0.51 -1.78 26.71
N LEU B 76 -0.17 -1.04 27.76
CA LEU B 76 -0.98 0.08 28.23
C LEU B 76 -0.25 1.42 28.20
N ARG B 77 1.06 1.43 28.37
CA ARG B 77 1.83 2.68 28.28
C ARG B 77 1.99 3.11 26.81
N SER B 78 2.75 4.18 26.56
CA SER B 78 2.78 4.82 25.23
C SER B 78 4.19 5.12 24.68
N ASP B 79 4.31 5.21 23.34
CA ASP B 79 5.54 5.65 22.62
C ASP B 79 5.36 7.16 22.31
N GLU B 80 6.31 7.94 21.76
CA GLU B 80 6.59 8.20 20.29
C GLU B 80 5.91 7.47 19.15
N ASN B 81 6.37 6.26 18.89
CA ASN B 81 6.09 5.53 17.66
C ASN B 81 4.61 5.24 17.36
N GLU B 82 3.77 5.24 18.38
CA GLU B 82 2.39 4.80 18.22
C GLU B 82 1.60 5.67 17.23
N GLN B 83 0.84 5.02 16.35
CA GLN B 83 -0.06 5.71 15.43
C GLN B 83 -1.48 5.17 15.64
N HIS B 84 -2.36 6.02 16.19
CA HIS B 84 -3.74 5.62 16.49
C HIS B 84 -4.66 5.96 15.32
N LEU B 85 -5.27 4.92 14.75
CA LEU B 85 -5.98 5.03 13.48
C LEU B 85 -7.41 4.50 13.54
N GLY B 86 -8.35 5.25 12.97
CA GLY B 86 -9.76 4.85 12.92
C GLY B 86 -10.03 3.75 11.91
N VAL B 87 -11.22 3.13 12.00
CA VAL B 87 -11.61 2.05 11.10
C VAL B 87 -12.63 2.53 10.06
N LYS B 88 -12.45 2.13 8.80
CA LYS B 88 -13.36 2.48 7.73
C LYS B 88 -14.44 1.40 7.56
N HIS B 89 -14.02 0.19 7.22
CA HIS B 89 -14.92 -0.97 7.06
C HIS B 89 -14.25 -2.21 7.68
N THR B 90 -15.04 -3.27 7.84
CA THR B 90 -14.50 -4.60 8.22
C THR B 90 -15.14 -5.69 7.36
N THR B 91 -14.36 -6.72 7.01
CA THR B 91 -14.82 -7.83 6.18
C THR B 91 -14.31 -9.18 6.68
N LEU B 92 -15.22 -9.98 7.23
CA LEU B 92 -14.88 -11.32 7.69
C LEU B 92 -15.04 -12.26 6.51
N HIS B 93 -14.23 -13.32 6.47
CA HIS B 93 -14.25 -14.28 5.37
C HIS B 93 -15.69 -14.69 5.10
N PRO B 94 -16.10 -14.74 3.83
CA PRO B 94 -17.47 -15.12 3.48
C PRO B 94 -17.92 -16.48 4.03
N GLN B 95 -17.00 -17.44 4.15
CA GLN B 95 -17.29 -18.77 4.70
C GLN B 95 -16.76 -18.93 6.14
N TYR B 96 -16.77 -17.84 6.91
CA TYR B 96 -16.42 -17.91 8.32
C TYR B 96 -17.54 -18.62 9.07
N ASP B 97 -17.18 -19.52 9.97
CA ASP B 97 -18.13 -20.23 10.82
C ASP B 97 -17.80 -19.95 12.29
N PRO B 98 -18.69 -19.20 12.98
CA PRO B 98 -18.41 -18.79 14.36
C PRO B 98 -18.42 -19.94 15.37
N ASN B 99 -18.97 -21.08 14.98
CA ASN B 99 -19.06 -22.25 15.86
C ASN B 99 -17.85 -23.16 15.75
N THR B 100 -17.35 -23.37 14.55
CA THR B 100 -16.18 -24.23 14.35
C THR B 100 -14.87 -23.46 14.13
N PHE B 101 -14.93 -22.13 14.09
CA PHE B 101 -13.75 -21.26 13.93
C PHE B 101 -13.00 -21.47 12.62
N GLU B 102 -13.68 -22.00 11.60
CA GLU B 102 -13.03 -22.19 10.31
C GLU B 102 -13.16 -20.91 9.48
N ASN B 103 -12.14 -20.66 8.66
CA ASN B 103 -11.99 -19.40 7.95
C ASN B 103 -12.09 -18.21 8.91
N ASP B 104 -11.41 -18.34 10.04
CA ASP B 104 -11.46 -17.32 11.10
C ASP B 104 -10.49 -16.20 10.79
N VAL B 105 -10.75 -15.50 9.69
CA VAL B 105 -9.91 -14.39 9.24
C VAL B 105 -10.80 -13.23 8.76
N ALA B 106 -10.28 -12.02 8.93
CA ALA B 106 -11.02 -10.81 8.64
C ALA B 106 -10.05 -9.71 8.27
N LEU B 107 -10.53 -8.74 7.50
CA LEU B 107 -9.70 -7.64 7.04
C LEU B 107 -10.32 -6.32 7.46
N VAL B 108 -9.55 -5.53 8.20
CA VAL B 108 -10.00 -4.25 8.68
C VAL B 108 -9.34 -3.17 7.82
N GLU B 109 -10.16 -2.49 7.01
CA GLU B 109 -9.72 -1.34 6.22
C GLU B 109 -9.65 -0.12 7.14
N LEU B 110 -8.52 0.59 7.09
CA LEU B 110 -8.32 1.74 7.95
C LEU B 110 -8.95 2.99 7.34
N LEU B 111 -9.44 3.88 8.19
CA LEU B 111 -10.00 5.15 7.78
C LEU B 111 -8.86 6.07 7.35
N GLU B 112 -7.72 5.93 8.02
CA GLU B 112 -6.52 6.72 7.74
C GLU B 112 -5.26 5.83 7.74
N SER B 113 -4.49 5.94 6.68
CA SER B 113 -3.33 5.08 6.46
C SER B 113 -2.12 5.55 7.28
N PRO B 114 -1.36 4.61 7.84
CA PRO B 114 -0.23 4.97 8.67
C PRO B 114 0.94 5.53 7.87
N VAL B 115 1.81 6.26 8.55
CA VAL B 115 3.04 6.74 7.97
C VAL B 115 4.05 5.62 8.15
N LEU B 116 4.48 5.02 7.04
CA LEU B 116 5.42 3.91 7.11
C LEU B 116 6.80 4.38 7.56
N ASN B 117 7.45 3.57 8.40
CA ASN B 117 8.72 3.94 9.00
C ASN B 117 9.37 2.72 9.72
N ALA B 118 10.43 2.97 10.48
CA ALA B 118 11.18 1.91 11.14
C ALA B 118 10.32 1.11 12.12
N PHE B 119 9.28 1.73 12.67
CA PHE B 119 8.42 1.08 13.64
C PHE B 119 7.07 0.63 13.08
N VAL B 120 6.70 1.09 11.88
CA VAL B 120 5.44 0.70 11.27
C VAL B 120 5.64 0.38 9.79
N MET B 121 5.70 -0.92 9.48
CA MET B 121 5.77 -1.40 8.09
C MET B 121 5.00 -2.73 7.99
N PRO B 122 4.47 -3.05 6.81
CA PRO B 122 3.65 -4.26 6.68
C PRO B 122 4.43 -5.57 6.66
N ILE B 123 3.73 -6.63 7.03
CA ILE B 123 4.23 -8.00 6.89
C ILE B 123 3.87 -8.54 5.51
N CYS B 124 4.75 -9.35 4.93
CA CYS B 124 4.52 -9.90 3.61
C CYS B 124 3.56 -11.08 3.66
N LEU B 125 2.75 -11.20 2.61
CA LEU B 125 1.93 -12.40 2.40
C LEU B 125 2.84 -13.59 2.07
N PRO B 126 2.42 -14.81 2.46
CA PRO B 126 3.21 -16.01 2.21
C PRO B 126 3.22 -16.43 0.74
N GLU B 127 4.40 -16.80 0.23
CA GLU B 127 4.57 -17.16 -1.18
C GLU B 127 4.03 -18.56 -1.45
N GLY B 128 4.38 -19.51 -0.58
CA GLY B 128 3.94 -20.89 -0.68
C GLY B 128 3.46 -21.44 0.65
N PRO B 129 3.28 -22.76 0.75
CA PRO B 129 2.76 -23.40 1.96
C PRO B 129 3.85 -23.61 3.00
N GLN B 130 3.48 -24.12 4.17
CA GLN B 130 4.45 -24.26 5.26
C GLN B 130 4.96 -25.67 5.38
N GLN B 131 6.27 -25.77 5.58
CA GLN B 131 6.94 -27.05 5.72
C GLN B 131 6.71 -27.52 7.16
N GLU B 132 6.58 -28.83 7.34
CA GLU B 132 6.42 -29.41 8.67
C GLU B 132 7.63 -29.08 9.54
N GLY B 133 7.38 -28.61 10.76
CA GLY B 133 8.45 -28.36 11.74
C GLY B 133 9.18 -27.04 11.56
N ALA B 134 8.60 -26.11 10.81
CA ALA B 134 9.19 -24.78 10.67
C ALA B 134 9.05 -24.03 11.99
N MET B 135 10.05 -23.22 12.31
CA MET B 135 9.98 -22.39 13.51
C MET B 135 9.32 -21.07 13.17
N VAL B 136 8.21 -20.79 13.85
CA VAL B 136 7.46 -19.55 13.64
C VAL B 136 7.48 -18.74 14.93
N ILE B 137 7.07 -17.48 14.83
CA ILE B 137 7.04 -16.56 15.97
C ILE B 137 5.63 -16.01 16.14
N VAL B 138 5.02 -16.33 17.28
CA VAL B 138 3.68 -15.84 17.62
C VAL B 138 3.82 -14.73 18.65
N SER B 139 3.16 -13.60 18.41
CA SER B 139 3.32 -12.41 19.23
C SER B 139 1.97 -11.87 19.68
N GLY B 140 1.93 -11.24 20.85
CA GLY B 140 0.67 -10.74 21.37
C GLY B 140 0.74 -10.13 22.77
N TRP B 141 -0.36 -9.53 23.18
CA TRP B 141 -0.45 -8.78 24.44
C TRP B 141 -1.43 -9.43 25.42
N GLY B 142 -1.86 -10.66 25.13
CA GLY B 142 -2.87 -11.34 25.94
C GLY B 142 -2.34 -11.88 27.26
N LYS B 143 -3.18 -12.66 27.94
CA LYS B 143 -2.82 -13.20 29.26
C LYS B 143 -1.64 -14.15 29.20
N GLN B 144 -1.01 -14.35 30.35
CA GLN B 144 0.06 -15.34 30.52
C GLN B 144 -0.28 -16.27 31.69
N PHE B 145 0.66 -17.15 32.06
CA PHE B 145 0.43 -18.16 33.10
C PHE B 145 0.29 -17.48 34.47
N LEU B 146 -0.64 -17.98 35.29
CA LEU B 146 -1.10 -17.31 36.52
C LEU B 146 -1.95 -16.07 36.19
N GLN B 147 -2.27 -15.88 34.90
CA GLN B 147 -3.18 -14.84 34.41
C GLN B 147 -2.85 -13.40 34.86
N ARG B 148 -1.64 -12.94 34.53
CA ARG B 148 -1.31 -11.52 34.51
C ARG B 148 -1.36 -11.04 33.07
N PHE B 149 -1.34 -9.74 32.88
CA PHE B 149 -1.11 -9.15 31.57
C PHE B 149 0.29 -8.55 31.57
N PRO B 150 1.03 -8.71 30.48
CA PRO B 150 2.39 -8.20 30.46
C PRO B 150 2.45 -6.68 30.32
N GLU B 151 3.56 -6.09 30.75
CA GLU B 151 3.84 -4.68 30.48
C GLU B 151 4.13 -4.47 29.00
N THR B 152 4.67 -5.50 28.36
CA THR B 152 5.24 -5.42 27.01
C THR B 152 4.65 -6.48 26.10
N LEU B 153 4.71 -6.25 24.77
CA LEU B 153 4.42 -7.29 23.79
C LEU B 153 5.30 -8.50 24.08
N MET B 154 4.69 -9.68 24.05
CA MET B 154 5.38 -10.93 24.32
C MET B 154 5.39 -11.79 23.06
N GLU B 155 6.37 -12.69 22.96
CA GLU B 155 6.46 -13.55 21.80
C GLU B 155 6.93 -14.95 22.19
N ILE B 156 6.48 -15.94 21.43
CA ILE B 156 6.99 -17.31 21.54
C ILE B 156 7.53 -17.79 20.19
N GLU B 157 8.50 -18.70 20.24
CA GLU B 157 8.99 -19.39 19.05
C GLU B 157 8.62 -20.87 19.17
N ILE B 158 7.80 -21.35 18.25
CA ILE B 158 7.30 -22.73 18.31
C ILE B 158 7.32 -23.39 16.94
N PRO B 159 7.47 -24.73 16.92
CA PRO B 159 7.45 -25.47 15.66
C PRO B 159 6.03 -25.70 15.14
N ILE B 160 5.89 -25.73 13.81
CA ILE B 160 4.63 -26.07 13.18
C ILE B 160 4.38 -27.57 13.27
N VAL B 161 3.15 -27.94 13.62
CA VAL B 161 2.76 -29.33 13.77
C VAL B 161 2.05 -29.81 12.49
N ASP B 162 2.31 -31.05 12.07
CA ASP B 162 1.68 -31.58 10.88
CA ASP B 162 1.68 -31.64 10.89
C ASP B 162 0.15 -31.63 11.06
N HIS B 163 -0.55 -31.27 10.01
CA HIS B 163 -2.01 -31.15 10.05
C HIS B 163 -2.70 -32.42 10.56
N SER B 164 -2.19 -33.58 10.15
CA SER B 164 -2.83 -34.84 10.52
C SER B 164 -2.80 -35.08 12.03
N THR B 165 -1.60 -35.04 12.63
CA THR B 165 -1.46 -35.32 14.06
C THR B 165 -2.11 -34.22 14.93
N CYS B 166 -2.42 -33.08 14.31
CA CYS B 166 -3.21 -32.04 14.97
C CYS B 166 -4.68 -32.45 15.06
N GLN B 167 -5.22 -33.00 13.98
CA GLN B 167 -6.60 -33.52 13.94
C GLN B 167 -6.81 -34.69 14.91
N LYS B 168 -5.85 -35.62 14.91
CA LYS B 168 -5.89 -36.78 15.79
C LYS B 168 -5.77 -36.37 17.25
N ALA B 169 -5.09 -35.27 17.53
CA ALA B 169 -4.93 -34.77 18.89
C ALA B 169 -6.21 -34.13 19.42
N TYR B 170 -6.95 -33.47 18.53
CA TYR B 170 -8.21 -32.80 18.90
C TYR B 170 -9.43 -33.70 18.75
N ALA B 171 -9.19 -34.99 18.50
CA ALA B 171 -10.18 -36.05 18.71
C ALA B 171 -9.52 -37.11 19.63
N PRO B 172 -9.83 -37.13 20.94
CA PRO B 172 -11.01 -36.73 21.74
C PRO B 172 -11.98 -36.01 20.82
N LEU B 173 -12.03 -34.68 20.75
CA LEU B 173 -12.30 -33.75 21.83
C LEU B 173 -13.56 -33.13 21.21
N LYS B 174 -14.11 -33.87 20.24
CA LYS B 174 -15.02 -33.37 19.20
C LYS B 174 -14.74 -31.94 18.71
N LYS B 175 -13.51 -31.71 18.22
CA LYS B 175 -13.15 -30.45 17.56
C LYS B 175 -12.37 -30.70 16.27
N LYS B 176 -12.90 -30.18 15.16
CA LYS B 176 -12.34 -30.41 13.82
C LYS B 176 -11.29 -29.37 13.48
N VAL B 177 -10.19 -29.84 12.88
CA VAL B 177 -9.16 -28.97 12.35
C VAL B 177 -9.20 -29.12 10.83
N THR B 178 -9.70 -28.09 10.16
CA THR B 178 -9.92 -28.11 8.70
C THR B 178 -8.70 -27.61 7.93
N ARG B 179 -8.72 -27.76 6.60
CA ARG B 179 -7.59 -27.36 5.75
C ARG B 179 -7.16 -25.91 5.98
N ASP B 180 -8.12 -25.03 6.25
CA ASP B 180 -7.85 -23.61 6.45
C ASP B 180 -7.19 -23.27 7.79
N MET B 181 -6.84 -24.29 8.59
CA MET B 181 -6.19 -24.08 9.87
C MET B 181 -4.79 -24.70 9.88
N ILE B 182 -3.86 -24.06 10.58
CA ILE B 182 -2.51 -24.59 10.76
C ILE B 182 -2.19 -24.63 12.26
N CYS B 183 -1.39 -25.61 12.66
CA CYS B 183 -1.12 -25.88 14.07
C CYS B 183 0.34 -25.64 14.46
N ALA B 184 0.54 -25.10 15.67
CA ALA B 184 1.86 -24.87 16.23
C ALA B 184 1.90 -25.19 17.72
N GLY B 185 3.11 -25.28 18.27
CA GLY B 185 3.33 -25.65 19.65
C GLY B 185 3.92 -27.05 19.75
N GLU B 186 4.33 -27.44 20.95
CA GLU B 186 4.95 -28.74 21.17
C GLU B 186 4.08 -29.63 22.03
N LYS B 187 4.32 -30.94 21.98
CA LYS B 187 3.50 -31.92 22.69
C LYS B 187 3.51 -31.67 24.20
N GLU B 188 4.70 -31.49 24.78
CA GLU B 188 4.83 -31.20 26.20
C GLU B 188 3.91 -30.05 26.65
N GLY B 189 3.72 -29.08 25.76
CA GLY B 189 2.87 -27.93 26.03
C GLY B 189 3.70 -26.72 26.42
N GLY B 190 3.09 -25.79 27.16
CA GLY B 190 3.80 -24.63 27.65
C GLY B 190 3.59 -23.39 26.80
N LYS B 191 4.39 -23.28 25.72
CA LYS B 191 4.39 -22.08 24.87
C LYS B 191 3.18 -22.01 23.93
N ASP B 192 2.32 -21.04 24.16
CA ASP B 192 1.05 -20.96 23.45
C ASP B 192 0.47 -19.56 23.54
N ALA B 193 -0.45 -19.24 22.64
CA ALA B 193 -1.24 -18.01 22.68
C ALA B 193 -2.43 -18.22 23.60
N CYS B 194 -3.09 -17.12 23.94
CA CYS B 194 -4.19 -17.16 24.90
C CYS B 194 -5.21 -16.04 24.69
N ALA B 195 -6.08 -15.85 25.68
CA ALA B 195 -7.08 -14.79 25.67
C ALA B 195 -6.39 -13.44 25.49
N GLY B 196 -6.85 -12.68 24.50
CA GLY B 196 -6.25 -11.38 24.18
C GLY B 196 -5.22 -11.44 23.07
N ASP B 197 -4.77 -12.63 22.70
CA ASP B 197 -3.83 -12.82 21.58
C ASP B 197 -4.52 -13.08 20.26
N SER B 198 -5.84 -13.27 20.30
CA SER B 198 -6.61 -13.53 19.09
C SER B 198 -6.27 -12.55 17.97
N GLY B 199 -6.03 -13.10 16.78
CA GLY B 199 -5.73 -12.30 15.60
C GLY B 199 -4.26 -11.90 15.49
N GLY B 200 -3.47 -12.18 16.52
CA GLY B 200 -2.06 -11.84 16.54
C GLY B 200 -1.32 -12.57 15.44
N PRO B 201 -0.16 -12.05 15.01
CA PRO B 201 0.61 -12.62 13.89
C PRO B 201 1.43 -13.86 14.23
N MET B 202 1.43 -14.83 13.33
CA MET B 202 2.37 -15.93 13.34
C MET B 202 3.27 -15.75 12.11
N VAL B 203 4.56 -15.50 12.32
CA VAL B 203 5.45 -15.20 11.18
C VAL B 203 6.69 -16.09 11.14
N THR B 204 7.31 -16.20 9.97
CA THR B 204 8.62 -16.83 9.83
C THR B 204 9.54 -16.00 8.95
N LEU B 205 10.82 -16.35 8.99
CA LEU B 205 11.85 -15.70 8.20
C LEU B 205 12.08 -16.49 6.91
N ASN B 206 12.20 -15.76 5.81
CA ASN B 206 12.62 -16.33 4.54
C ASN B 206 14.10 -16.07 4.37
N ARG B 207 14.78 -17.00 3.72
CA ARG B 207 16.16 -16.80 3.32
C ARG B 207 16.34 -17.34 1.89
N GLU B 208 17.30 -16.81 1.12
CA GLU B 208 18.25 -15.77 1.55
C GLU B 208 17.73 -14.35 1.32
N ARG B 209 16.40 -14.18 1.32
CA ARG B 209 15.76 -12.88 1.09
C ARG B 209 15.89 -11.96 2.30
N GLY B 210 15.92 -12.56 3.50
CA GLY B 210 15.88 -11.80 4.74
C GLY B 210 14.52 -11.15 4.98
N GLN B 211 13.48 -11.67 4.33
CA GLN B 211 12.13 -11.10 4.45
C GLN B 211 11.27 -11.92 5.40
N TRP B 212 10.41 -11.23 6.14
CA TRP B 212 9.49 -11.87 7.07
C TRP B 212 8.09 -11.99 6.48
N TYR B 213 7.48 -13.17 6.69
CA TYR B 213 6.24 -13.55 6.02
C TYR B 213 5.22 -13.99 7.06
N LEU B 214 3.97 -13.58 6.88
CA LEU B 214 2.88 -13.96 7.77
C LEU B 214 2.37 -15.35 7.39
N VAL B 215 2.43 -16.29 8.32
CA VAL B 215 2.02 -17.66 8.07
C VAL B 215 0.60 -17.89 8.56
N GLY B 216 0.26 -17.29 9.70
CA GLY B 216 -1.08 -17.43 10.26
C GLY B 216 -1.48 -16.37 11.25
N THR B 217 -2.77 -16.35 11.58
CA THR B 217 -3.30 -15.51 12.64
C THR B 217 -3.79 -16.40 13.78
N VAL B 218 -3.67 -15.92 15.02
CA VAL B 218 -4.14 -16.66 16.17
C VAL B 218 -5.65 -16.83 16.09
N SER B 219 -6.12 -18.08 16.18
CA SER B 219 -7.55 -18.40 16.13
C SER B 219 -8.06 -19.06 17.41
N TRP B 220 -7.60 -20.26 17.73
CA TRP B 220 -8.09 -20.94 18.92
C TRP B 220 -7.17 -22.01 19.46
N GLY B 221 -7.38 -22.36 20.73
CA GLY B 221 -6.66 -23.42 21.42
C GLY B 221 -7.45 -23.73 22.68
N ASP B 222 -7.62 -25.00 23.00
CA ASP B 222 -8.56 -25.39 24.03
C ASP B 222 -8.23 -24.65 25.34
N ASP B 223 -7.25 -25.14 26.09
CA ASP B 223 -6.74 -24.45 27.28
C ASP B 223 -5.36 -23.94 26.91
N CYS B 224 -4.98 -22.76 27.42
CA CYS B 224 -3.66 -22.20 27.16
C CYS B 224 -2.59 -22.95 27.94
N GLY B 225 -1.58 -23.46 27.22
CA GLY B 225 -0.43 -24.14 27.82
C GLY B 225 -0.77 -25.40 28.57
N LYS B 226 -1.15 -26.45 27.83
CA LYS B 226 -1.48 -27.75 28.42
C LYS B 226 -1.11 -28.85 27.42
N LYS B 227 -0.53 -29.93 27.93
CA LYS B 227 0.12 -30.94 27.10
C LYS B 227 -0.83 -31.66 26.16
N ASP B 228 -0.24 -32.38 25.20
CA ASP B 228 -0.97 -33.20 24.22
C ASP B 228 -2.08 -32.42 23.50
N ARG B 229 -1.77 -31.18 23.15
CA ARG B 229 -2.77 -30.24 22.66
C ARG B 229 -2.03 -29.08 22.00
N TYR B 230 -2.42 -28.72 20.77
CA TYR B 230 -1.68 -27.71 19.98
C TYR B 230 -2.49 -26.45 19.66
N GLY B 231 -1.80 -25.33 19.50
CA GLY B 231 -2.43 -24.05 19.20
C GLY B 231 -2.84 -24.03 17.75
N VAL B 232 -4.04 -23.53 17.46
CA VAL B 232 -4.58 -23.54 16.11
C VAL B 232 -4.69 -22.12 15.55
N TYR B 233 -4.12 -21.94 14.36
CA TYR B 233 -4.02 -20.64 13.73
C TYR B 233 -4.71 -20.68 12.36
N SER B 234 -5.27 -19.56 11.93
CA SER B 234 -5.89 -19.49 10.60
C SER B 234 -4.79 -19.50 9.53
N TYR B 235 -4.84 -20.48 8.64
CA TYR B 235 -3.81 -20.65 7.62
C TYR B 235 -4.02 -19.63 6.51
N ILE B 236 -3.12 -18.65 6.42
CA ILE B 236 -3.31 -17.51 5.52
C ILE B 236 -3.00 -17.82 4.06
N HIS B 237 -2.06 -18.74 3.82
CA HIS B 237 -1.80 -19.19 2.45
C HIS B 237 -3.05 -19.77 1.83
N HIS B 238 -3.87 -20.44 2.63
CA HIS B 238 -5.12 -21.04 2.16
C HIS B 238 -6.10 -20.00 1.63
N ASN B 239 -6.22 -18.87 2.33
CA ASN B 239 -7.10 -17.77 1.89
C ASN B 239 -6.36 -16.57 1.31
N LYS B 240 -5.16 -16.80 0.78
CA LYS B 240 -4.35 -15.74 0.15
C LYS B 240 -5.09 -15.06 -0.99
N ASP B 241 -5.80 -15.84 -1.81
CA ASP B 241 -6.56 -15.32 -2.94
C ASP B 241 -7.64 -14.35 -2.49
N TRP B 242 -8.41 -14.72 -1.47
CA TRP B 242 -9.45 -13.86 -0.95
C TRP B 242 -8.88 -12.58 -0.35
N ILE B 243 -7.76 -12.70 0.38
CA ILE B 243 -7.12 -11.52 0.95
C ILE B 243 -6.65 -10.60 -0.16
N GLN B 244 -6.10 -11.16 -1.23
CA GLN B 244 -5.62 -10.37 -2.37
C GLN B 244 -6.77 -9.73 -3.15
N ARG B 245 -7.89 -10.43 -3.25
CA ARG B 245 -9.07 -9.90 -3.95
C ARG B 245 -9.71 -8.72 -3.21
N VAL B 246 -9.79 -8.80 -1.89
CA VAL B 246 -10.38 -7.71 -1.10
C VAL B 246 -9.42 -6.54 -0.96
N THR B 247 -8.15 -6.85 -0.72
CA THR B 247 -7.13 -5.87 -0.36
C THR B 247 -6.43 -5.25 -1.57
N GLY B 248 -6.08 -6.09 -2.53
CA GLY B 248 -5.22 -5.70 -3.63
C GLY B 248 -3.78 -5.50 -3.18
N VAL B 249 -3.34 -6.30 -2.20
CA VAL B 249 -1.96 -6.24 -1.76
C VAL B 249 -1.11 -7.23 -2.58
N ARG B 250 0.13 -6.84 -2.82
CA ARG B 250 1.13 -7.68 -3.51
C ARG B 250 2.47 -7.45 -2.83
N ASN B 251 3.29 -8.50 -2.74
CA ASN B 251 4.61 -8.37 -2.14
C ASN B 251 5.56 -7.58 -3.04
C1 GOL C . -1.68 27.49 -41.22
O1 GOL C . -2.33 26.29 -40.85
C2 GOL C . -0.28 27.23 -41.77
O2 GOL C . -0.36 26.31 -42.83
C3 GOL C . 0.31 28.54 -42.29
O3 GOL C . 1.59 28.88 -41.75
C1 GOL D . 11.64 -0.80 25.88
O1 GOL D . 12.68 -1.67 25.47
C2 GOL D . 11.29 -0.96 27.36
O2 GOL D . 10.96 -2.29 27.67
C3 GOL D . 12.45 -0.51 28.24
O3 GOL D . 12.72 0.86 28.09
#